data_6WPL
#
_entry.id   6WPL
#
_cell.length_a   35.420
_cell.length_b   56.993
_cell.length_c   189.373
_cell.angle_alpha   90.000
_cell.angle_beta   90.000
_cell.angle_gamma   90.000
#
_symmetry.space_group_name_H-M   'P 21 21 21'
#
loop_
_entity.id
_entity.type
_entity.pdbx_description
1 polymer 'Cytochrome P-450cam, subunit of camphor 5-monooxygenase system'
2 non-polymer 'PROTOPORPHYRIN IX CONTAINING FE'
3 non-polymer 5-EXO-HYDROXYCAMPHOR
4 non-polymer 'POTASSIUM ION'
5 water water
#
_entity_poly.entity_id   1
_entity_poly.type   'polypeptide(L)'
_entity_poly.pdbx_seq_one_letter_code
;MSTEAIQSNANLAPLPPHVPEHLVFDFDMYNPPNISEGVQKAWATLQGPNVPNIVWTRCNGGHWIATRGRLIREAFEDPA
HFSSECPFIPREAGEAYDFIPTSMDPPEQRQFRALASSVVGMPVVDKMEGHIRELACSLIDNIRLQGHCNFTEDFAEPFP
IRIFMLLAGLPDKDIPHLKYLSDQMTRPDGSMTFAEARDALYEYLMPIIAERKLKPCTDAISVIANGQVNGRPITSDEAK
KMCGLLLVGGLDTVVNFLSFCMEFLAKSPEHRKELIEHPERIPAATEELLRRFSLVADGRILKSDLEFHGVLLKKGDQIL
LPQLLSGLDERENACPMHVDFGRQKVSHTTFGHGSHLCLGQHLARREIVTTLREWLARIPDFAIAPGAQVRHQSGIVSGV
HALPLVWDPATTKAV
;
_entity_poly.pdbx_strand_id   A
#
# COMPACT_ATOMS: atom_id res chain seq x y z
N ALA A 10 22.61 0.96 11.35
CA ALA A 10 21.84 2.11 10.87
C ALA A 10 22.58 3.42 11.16
N ASN A 11 23.04 4.08 10.10
CA ASN A 11 23.74 5.34 10.29
C ASN A 11 22.80 6.43 10.79
N LEU A 12 23.30 7.21 11.74
CA LEU A 12 22.58 8.32 12.32
C LEU A 12 23.12 9.64 11.77
N ALA A 13 22.22 10.46 11.24
CA ALA A 13 22.59 11.80 10.82
C ALA A 13 22.79 12.68 12.06
N PRO A 14 23.75 13.61 12.02
CA PRO A 14 23.93 14.51 13.17
C PRO A 14 22.65 15.28 13.47
N LEU A 15 22.36 15.41 14.77
CA LEU A 15 21.15 16.05 15.25
C LEU A 15 21.12 17.53 14.91
N PRO A 16 20.14 18.00 14.13
CA PRO A 16 20.03 19.43 13.88
C PRO A 16 19.85 20.23 15.17
N PRO A 17 20.29 21.49 15.19
CA PRO A 17 20.31 22.23 16.45
C PRO A 17 18.92 22.61 16.96
N HIS A 18 17.93 22.73 16.09
CA HIS A 18 16.56 23.04 16.51
C HIS A 18 15.80 21.83 17.05
N VAL A 19 16.37 20.62 17.02
CA VAL A 19 15.69 19.43 17.50
C VAL A 19 16.21 19.13 18.90
N PRO A 20 15.35 19.02 19.92
CA PRO A 20 15.83 18.72 21.28
C PRO A 20 16.03 17.24 21.52
N GLU A 21 16.95 16.94 22.44
CA GLU A 21 17.40 15.57 22.73
C GLU A 21 16.26 14.65 23.12
N HIS A 22 15.35 15.11 23.97
CA HIS A 22 14.34 14.23 24.55
C HIS A 22 13.28 13.81 23.56
N LEU A 23 13.28 14.34 22.34
CA LEU A 23 12.35 13.88 21.32
C LEU A 23 12.95 12.85 20.38
N VAL A 24 14.23 12.56 20.54
CA VAL A 24 14.93 11.68 19.61
C VAL A 24 14.53 10.23 19.87
N PHE A 25 14.23 9.53 18.78
CA PHE A 25 13.84 8.12 18.83
C PHE A 25 14.28 7.52 17.49
N ASP A 26 15.38 6.76 17.51
CA ASP A 26 16.06 6.37 16.27
C ASP A 26 15.36 5.17 15.61
N PHE A 27 14.16 5.44 15.12
CA PHE A 27 13.36 4.45 14.42
C PHE A 27 13.74 4.43 12.94
N ASP A 28 13.98 3.23 12.39
CA ASP A 28 14.33 3.00 10.99
C ASP A 28 13.10 2.46 10.29
N MET A 29 12.48 3.25 9.42
CA MET A 29 11.24 2.80 8.79
C MET A 29 11.46 1.60 7.85
N TYR A 30 12.68 1.41 7.34
CA TYR A 30 13.00 0.23 6.56
C TYR A 30 13.46 -0.95 7.42
N ASN A 31 13.67 -0.74 8.73
CA ASN A 31 14.09 -1.80 9.65
C ASN A 31 13.56 -1.52 11.05
N PRO A 32 12.25 -1.65 11.26
CA PRO A 32 11.71 -1.34 12.59
C PRO A 32 12.03 -2.46 13.58
N PRO A 33 12.08 -2.14 14.89
CA PRO A 33 12.73 -3.03 15.87
C PRO A 33 12.38 -4.52 15.79
N ASN A 34 11.32 -4.94 16.44
CA ASN A 34 11.08 -6.39 16.60
C ASN A 34 10.21 -6.91 15.47
N ILE A 35 10.74 -6.85 14.25
CA ILE A 35 9.91 -7.22 13.11
C ILE A 35 9.39 -8.66 13.19
N SER A 36 10.08 -9.54 13.93
CA SER A 36 9.64 -10.94 14.05
C SER A 36 8.26 -11.07 14.72
N GLU A 37 7.81 -10.02 15.41
CA GLU A 37 6.46 -9.98 15.95
C GLU A 37 5.45 -9.54 14.90
N GLY A 38 5.88 -9.22 13.70
CA GLY A 38 4.97 -8.78 12.66
C GLY A 38 5.25 -7.31 12.44
N VAL A 39 5.14 -6.88 11.18
CA VAL A 39 5.59 -5.54 10.83
C VAL A 39 4.65 -4.48 11.41
N GLN A 40 3.35 -4.74 11.49
CA GLN A 40 2.46 -3.74 12.09
C GLN A 40 2.74 -3.58 13.59
N LYS A 41 3.05 -4.67 14.30
CA LYS A 41 3.41 -4.56 15.72
C LYS A 41 4.79 -3.93 15.90
N ALA A 42 5.70 -4.14 14.95
CA ALA A 42 6.97 -3.44 15.02
C ALA A 42 6.79 -1.94 14.79
N TRP A 43 5.85 -1.53 13.94
CA TRP A 43 5.64 -0.09 13.79
C TRP A 43 4.99 0.49 15.03
N ALA A 44 4.17 -0.31 15.71
CA ALA A 44 3.45 0.13 16.90
C ALA A 44 4.37 0.38 18.10
N THR A 45 5.64 -0.04 18.06
CA THR A 45 6.57 0.36 19.12
C THR A 45 6.70 1.87 19.20
N LEU A 46 6.38 2.58 18.11
CA LEU A 46 6.28 4.04 18.11
C LEU A 46 5.16 4.55 18.99
N GLN A 47 4.23 3.69 19.40
CA GLN A 47 3.11 4.08 20.25
C GLN A 47 3.23 3.47 21.63
N GLY A 48 4.40 2.93 21.98
CA GLY A 48 4.69 2.43 23.30
C GLY A 48 4.58 3.51 24.35
N PRO A 49 4.66 3.11 25.62
CA PRO A 49 4.39 4.08 26.69
C PRO A 49 5.40 5.21 26.76
N ASN A 50 6.67 4.93 26.50
CA ASN A 50 7.71 5.93 26.68
C ASN A 50 7.71 6.99 25.58
N VAL A 51 6.98 6.80 24.49
CA VAL A 51 7.29 7.40 23.20
C VAL A 51 6.50 8.69 23.04
N PRO A 52 7.14 9.84 22.89
CA PRO A 52 6.42 11.07 22.58
C PRO A 52 5.59 10.94 21.30
N ASN A 53 4.63 11.84 21.16
CA ASN A 53 3.67 11.79 20.05
C ASN A 53 4.28 12.31 18.75
N ILE A 54 5.30 13.13 18.83
CA ILE A 54 6.12 13.53 17.70
C ILE A 54 7.58 13.27 18.08
N VAL A 55 8.28 12.48 17.27
CA VAL A 55 9.66 12.15 17.55
C VAL A 55 10.51 12.49 16.34
N TRP A 56 11.79 12.69 16.59
CA TRP A 56 12.81 12.82 15.56
C TRP A 56 13.61 11.52 15.52
N THR A 57 13.77 10.95 14.34
CA THR A 57 14.69 9.83 14.13
C THR A 57 15.91 10.29 13.34
N ARG A 58 17.09 9.79 13.71
CA ARG A 58 18.30 10.15 12.97
C ARG A 58 18.60 9.22 11.79
N CYS A 59 17.87 8.12 11.64
CA CYS A 59 18.03 7.28 10.46
C CYS A 59 17.52 7.96 9.20
N ASN A 60 17.92 7.41 8.05
CA ASN A 60 17.44 7.81 6.74
C ASN A 60 17.53 9.33 6.57
N GLY A 61 18.65 9.89 7.02
CA GLY A 61 18.96 11.29 6.85
C GLY A 61 18.34 12.21 7.88
N GLY A 62 17.52 11.68 8.79
CA GLY A 62 16.89 12.49 9.82
C GLY A 62 15.55 13.05 9.41
N HIS A 63 14.51 12.73 10.18
CA HIS A 63 13.17 13.21 9.90
C HIS A 63 12.29 13.03 11.13
N TRP A 64 11.21 13.79 11.17
CA TRP A 64 10.17 13.65 12.18
C TRP A 64 9.24 12.49 11.87
N ILE A 65 8.55 12.00 12.91
CA ILE A 65 7.52 10.96 12.81
C ILE A 65 6.37 11.36 13.70
N ALA A 66 5.16 11.49 13.13
CA ALA A 66 3.95 11.55 13.94
C ALA A 66 3.52 10.13 14.27
N THR A 67 3.25 9.85 15.54
CA THR A 67 2.99 8.49 15.96
C THR A 67 1.55 8.22 16.37
N ARG A 68 0.69 9.25 16.40
CA ARG A 68 -0.71 9.12 16.81
C ARG A 68 -1.66 9.46 15.67
N GLY A 69 -2.80 8.77 15.67
CA GLY A 69 -3.77 8.94 14.61
C GLY A 69 -4.28 10.36 14.48
N ARG A 70 -4.46 11.06 15.61
CA ARG A 70 -4.96 12.43 15.55
C ARG A 70 -4.00 13.35 14.81
N LEU A 71 -2.70 13.27 15.13
CA LEU A 71 -1.74 14.16 14.49
C LEU A 71 -1.52 13.81 13.04
N ILE A 72 -1.57 12.52 12.72
CA ILE A 72 -1.46 12.07 11.33
C ILE A 72 -2.60 12.65 10.50
N ARG A 73 -3.84 12.57 11.00
CA ARG A 73 -4.96 13.14 10.29
C ARG A 73 -4.83 14.65 10.18
N GLU A 74 -4.40 15.29 11.26
CA GLU A 74 -4.27 16.74 11.23
C GLU A 74 -3.28 17.16 10.16
N ALA A 75 -2.14 16.49 10.10
CA ALA A 75 -1.14 16.89 9.11
C ALA A 75 -1.64 16.63 7.70
N PHE A 76 -2.35 15.51 7.51
CA PHE A 76 -2.80 15.15 6.16
C PHE A 76 -3.82 16.14 5.61
N GLU A 77 -4.64 16.73 6.48
CA GLU A 77 -5.57 17.79 6.13
C GLU A 77 -4.91 19.19 6.09
N ASP A 78 -3.59 19.33 6.18
CA ASP A 78 -2.93 20.64 6.22
C ASP A 78 -1.85 20.78 5.15
N PRO A 79 -2.21 20.62 3.86
CA PRO A 79 -1.18 20.72 2.82
C PRO A 79 -0.49 22.07 2.75
N ALA A 80 -1.10 23.13 3.28
CA ALA A 80 -0.43 24.44 3.30
C ALA A 80 0.84 24.40 4.12
N HIS A 81 0.93 23.51 5.09
CA HIS A 81 2.13 23.30 5.88
C HIS A 81 2.85 22.01 5.56
N PHE A 82 2.12 20.93 5.31
CA PHE A 82 2.69 19.61 5.08
C PHE A 82 2.50 19.25 3.62
N SER A 83 3.52 19.52 2.81
CA SER A 83 3.41 19.43 1.35
C SER A 83 3.75 18.03 0.81
N SER A 84 3.11 17.68 -0.29
CA SER A 84 3.34 16.43 -1.01
C SER A 84 4.47 16.50 -2.03
N GLU A 85 5.15 17.65 -2.16
CA GLU A 85 6.20 17.77 -3.17
C GLU A 85 7.34 16.78 -2.94
N CYS A 86 7.54 16.33 -1.70
CA CYS A 86 8.64 15.43 -1.35
C CYS A 86 8.12 14.40 -0.35
N PRO A 87 7.38 13.40 -0.82
CA PRO A 87 6.61 12.54 0.09
C PRO A 87 7.26 11.25 0.56
N PHE A 88 8.47 10.91 0.12
CA PHE A 88 9.13 9.68 0.52
C PHE A 88 10.34 9.98 1.40
N ILE A 89 10.61 9.08 2.34
CA ILE A 89 11.87 9.04 3.10
C ILE A 89 12.72 7.92 2.50
N PRO A 90 14.00 8.15 2.20
CA PRO A 90 14.80 9.34 2.52
C PRO A 90 14.64 10.45 1.48
N ARG A 91 15.18 11.61 1.82
CA ARG A 91 15.03 12.80 1.01
C ARG A 91 15.33 12.52 -0.46
N GLU A 92 16.43 11.81 -0.72
CA GLU A 92 16.83 11.54 -2.10
C GLU A 92 15.68 10.91 -2.88
N ALA A 93 14.94 9.99 -2.27
CA ALA A 93 13.81 9.37 -2.96
C ALA A 93 12.66 10.36 -3.12
N GLY A 94 12.30 11.05 -2.03
CA GLY A 94 11.28 12.08 -2.10
C GLY A 94 11.60 13.16 -3.13
N GLU A 95 12.88 13.48 -3.28
CA GLU A 95 13.28 14.49 -4.27
C GLU A 95 13.05 14.00 -5.69
N ALA A 96 13.32 12.72 -5.96
CA ALA A 96 13.14 12.13 -7.29
C ALA A 96 11.72 11.66 -7.56
N TYR A 97 10.92 11.49 -6.51
CA TYR A 97 9.51 11.18 -6.69
C TYR A 97 8.85 12.27 -7.54
N ASP A 98 8.31 11.88 -8.69
CA ASP A 98 7.58 12.88 -9.46
C ASP A 98 6.25 12.35 -9.98
N PHE A 99 5.69 11.30 -9.37
CA PHE A 99 4.45 10.73 -9.84
C PHE A 99 3.29 11.73 -9.67
N ILE A 100 2.30 11.57 -10.53
CA ILE A 100 1.12 12.43 -10.57
C ILE A 100 -0.09 11.56 -10.30
N PRO A 101 -1.04 11.97 -9.43
CA PRO A 101 -1.15 13.29 -8.77
C PRO A 101 -0.45 13.44 -7.41
N THR A 102 0.24 12.39 -6.95
CA THR A 102 0.68 12.31 -5.56
C THR A 102 1.69 13.39 -5.17
N SER A 103 2.46 13.91 -6.12
CA SER A 103 3.48 14.89 -5.79
C SER A 103 2.98 16.32 -5.96
N MET A 104 1.70 16.52 -6.20
CA MET A 104 1.12 17.86 -6.33
C MET A 104 0.23 18.16 -5.14
N ASP A 105 0.29 19.39 -4.70
CA ASP A 105 -0.66 19.89 -3.72
C ASP A 105 -1.90 20.43 -4.44
N PRO A 106 -3.01 20.63 -3.71
CA PRO A 106 -4.17 21.31 -4.33
C PRO A 106 -3.89 22.78 -4.55
N PRO A 107 -4.55 23.42 -5.52
CA PRO A 107 -5.63 22.95 -6.39
C PRO A 107 -5.13 22.22 -7.63
N GLU A 108 -3.81 22.21 -7.79
CA GLU A 108 -3.19 21.68 -8.99
C GLU A 108 -3.47 20.19 -9.17
N GLN A 109 -3.46 19.42 -8.08
CA GLN A 109 -3.65 17.98 -8.25
C GLN A 109 -5.09 17.60 -8.59
N ARG A 110 -6.04 18.53 -8.46
CA ARG A 110 -7.45 18.17 -8.48
C ARG A 110 -7.89 17.58 -9.82
N GLN A 111 -7.44 18.17 -10.94
CA GLN A 111 -7.89 17.70 -12.25
C GLN A 111 -7.12 16.47 -12.71
N PHE A 112 -5.90 16.29 -12.23
CA PHE A 112 -5.18 15.06 -12.55
C PHE A 112 -5.80 13.89 -11.81
N ARG A 113 -6.17 14.10 -10.54
CA ARG A 113 -6.88 13.10 -9.77
C ARG A 113 -8.12 12.61 -10.50
N ALA A 114 -8.81 13.52 -11.20
CA ALA A 114 -10.01 13.16 -11.94
C ALA A 114 -9.69 12.26 -13.11
N LEU A 115 -8.58 12.53 -13.80
CA LEU A 115 -8.21 11.66 -14.92
C LEU A 115 -7.84 10.27 -14.40
N ALA A 116 -6.96 10.21 -13.39
CA ALA A 116 -6.57 8.94 -12.78
C ALA A 116 -7.79 8.18 -12.31
N SER A 117 -8.72 8.87 -11.64
CA SER A 117 -9.88 8.19 -11.12
C SER A 117 -10.69 7.54 -12.23
N SER A 118 -10.63 8.09 -13.44
CA SER A 118 -11.38 7.55 -14.57
C SER A 118 -10.99 6.11 -14.91
N VAL A 119 -9.70 5.77 -14.79
CA VAL A 119 -9.29 4.46 -15.27
C VAL A 119 -9.36 3.35 -14.22
N VAL A 120 -9.45 3.69 -12.93
CA VAL A 120 -9.52 2.65 -11.90
C VAL A 120 -10.76 2.78 -11.03
N GLY A 121 -11.66 3.69 -11.37
CA GLY A 121 -12.79 3.97 -10.53
C GLY A 121 -13.81 2.85 -10.54
N MET A 122 -14.84 3.04 -9.70
CA MET A 122 -15.93 2.07 -9.58
C MET A 122 -16.54 1.68 -10.91
N PRO A 123 -16.76 2.57 -11.89
CA PRO A 123 -17.26 2.07 -13.18
C PRO A 123 -16.34 1.04 -13.80
N VAL A 124 -15.01 1.21 -13.66
CA VAL A 124 -14.08 0.25 -14.25
C VAL A 124 -14.04 -1.04 -13.44
N VAL A 125 -14.11 -0.93 -12.10
CA VAL A 125 -14.13 -2.13 -11.28
C VAL A 125 -15.36 -2.99 -11.62
N ASP A 126 -16.52 -2.35 -11.74
CA ASP A 126 -17.74 -3.10 -12.07
C ASP A 126 -17.64 -3.74 -13.44
N LYS A 127 -16.98 -3.07 -14.38
CA LYS A 127 -16.76 -3.64 -15.70
C LYS A 127 -15.84 -4.87 -15.66
N MET A 128 -14.85 -4.88 -14.76
CA MET A 128 -13.89 -5.98 -14.65
C MET A 128 -14.34 -7.11 -13.73
N GLU A 129 -15.44 -6.94 -12.99
CA GLU A 129 -15.79 -7.90 -11.93
C GLU A 129 -15.78 -9.34 -12.43
N GLY A 130 -16.23 -9.56 -13.66
CA GLY A 130 -16.28 -10.91 -14.17
C GLY A 130 -14.89 -11.48 -14.42
N HIS A 131 -13.98 -10.64 -14.92
CA HIS A 131 -12.59 -11.06 -15.05
C HIS A 131 -11.99 -11.36 -13.68
N ILE A 132 -12.30 -10.53 -12.68
CA ILE A 132 -11.69 -10.68 -11.36
C ILE A 132 -12.12 -11.98 -10.72
N ARG A 133 -13.44 -12.20 -10.67
CA ARG A 133 -13.99 -13.45 -10.15
C ARG A 133 -13.36 -14.67 -10.82
N GLU A 134 -13.30 -14.67 -12.17
CA GLU A 134 -12.90 -15.86 -12.90
C GLU A 134 -11.42 -16.20 -12.70
N LEU A 135 -10.55 -15.18 -12.68
CA LEU A 135 -9.13 -15.44 -12.44
C LEU A 135 -8.88 -15.94 -11.02
N ALA A 136 -9.61 -15.40 -10.04
CA ALA A 136 -9.42 -15.87 -8.68
C ALA A 136 -9.90 -17.32 -8.54
N CYS A 137 -11.05 -17.66 -9.13
CA CYS A 137 -11.50 -19.05 -9.08
C CYS A 137 -10.54 -19.98 -9.80
N SER A 138 -9.99 -19.54 -10.93
CA SER A 138 -9.06 -20.37 -11.68
C SER A 138 -7.79 -20.64 -10.87
N LEU A 139 -7.25 -19.61 -10.24
CA LEU A 139 -6.04 -19.77 -9.45
C LEU A 139 -6.26 -20.75 -8.29
N ILE A 140 -7.40 -20.62 -7.59
CA ILE A 140 -7.67 -21.40 -6.39
C ILE A 140 -8.09 -22.81 -6.73
N ASP A 141 -8.88 -22.99 -7.81
CA ASP A 141 -8.93 -24.33 -8.41
C ASP A 141 -7.46 -24.57 -8.77
N ASN A 142 -7.11 -25.60 -9.51
CA ASN A 142 -5.69 -25.72 -9.82
C ASN A 142 -4.83 -26.01 -8.59
N ILE A 143 -4.85 -25.19 -7.53
CA ILE A 143 -4.07 -25.55 -6.34
C ILE A 143 -4.88 -26.27 -5.26
N ARG A 144 -6.21 -26.22 -5.34
CA ARG A 144 -7.05 -26.76 -4.27
C ARG A 144 -6.71 -28.21 -3.90
N LEU A 145 -6.40 -29.05 -4.88
CA LEU A 145 -6.18 -30.45 -4.58
C LEU A 145 -4.75 -30.77 -4.17
N GLN A 146 -3.81 -29.82 -4.23
CA GLN A 146 -2.43 -30.14 -3.88
C GLN A 146 -2.22 -30.25 -2.38
N GLY A 147 -3.07 -29.59 -1.59
CA GLY A 147 -2.86 -29.56 -0.16
C GLY A 147 -1.78 -28.61 0.31
N HIS A 148 -1.21 -27.80 -0.58
CA HIS A 148 -0.22 -26.83 -0.14
C HIS A 148 0.01 -25.82 -1.25
N CYS A 149 0.59 -24.69 -0.88
CA CYS A 149 1.01 -23.69 -1.87
C CYS A 149 1.93 -22.72 -1.19
N ASN A 150 2.67 -21.98 -2.01
CA ASN A 150 3.37 -20.78 -1.58
C ASN A 150 2.46 -19.63 -1.97
N PHE A 151 1.71 -19.11 -0.99
CA PHE A 151 0.61 -18.21 -1.27
C PHE A 151 1.06 -16.92 -1.94
N THR A 152 2.17 -16.33 -1.50
CA THR A 152 2.65 -15.12 -2.16
C THR A 152 2.89 -15.37 -3.65
N GLU A 153 3.58 -16.45 -3.98
CA GLU A 153 3.94 -16.76 -5.36
C GLU A 153 2.77 -17.32 -6.17
N ASP A 154 1.90 -18.11 -5.55
CA ASP A 154 0.84 -18.78 -6.29
C ASP A 154 -0.48 -18.01 -6.28
N PHE A 155 -0.65 -17.01 -5.43
CA PHE A 155 -1.93 -16.31 -5.52
C PHE A 155 -1.76 -14.81 -5.33
N ALA A 156 -1.02 -14.41 -4.29
CA ALA A 156 -0.98 -13.01 -3.93
C ALA A 156 -0.38 -12.17 -5.05
N GLU A 157 0.60 -12.72 -5.77
CA GLU A 157 1.18 -11.95 -6.87
C GLU A 157 0.37 -12.10 -8.14
N PRO A 158 0.12 -13.33 -8.65
CA PRO A 158 -0.55 -13.43 -9.96
C PRO A 158 -1.94 -12.82 -10.01
N PHE A 159 -2.71 -12.87 -8.91
CA PHE A 159 -4.10 -12.44 -9.01
C PHE A 159 -4.23 -10.93 -9.21
N PRO A 160 -3.70 -10.07 -8.34
CA PRO A 160 -3.86 -8.62 -8.59
C PRO A 160 -3.01 -8.10 -9.75
N ILE A 161 -1.81 -8.65 -9.97
CA ILE A 161 -0.97 -8.15 -11.04
C ILE A 161 -1.60 -8.45 -12.40
N ARG A 162 -2.09 -9.68 -12.58
CA ARG A 162 -2.70 -10.04 -13.84
C ARG A 162 -3.95 -9.22 -14.14
N ILE A 163 -4.74 -8.92 -13.10
CA ILE A 163 -5.89 -8.03 -13.28
C ILE A 163 -5.43 -6.63 -13.67
N PHE A 164 -4.38 -6.14 -13.01
CA PHE A 164 -3.89 -4.81 -13.36
C PHE A 164 -3.32 -4.78 -14.78
N MET A 165 -2.63 -5.86 -15.20
CA MET A 165 -2.06 -5.85 -16.55
C MET A 165 -3.15 -5.86 -17.60
N LEU A 166 -4.23 -6.60 -17.35
CA LEU A 166 -5.37 -6.62 -18.25
C LEU A 166 -6.03 -5.24 -18.34
N LEU A 167 -6.18 -4.57 -17.21
CA LEU A 167 -6.77 -3.23 -17.19
C LEU A 167 -5.88 -2.21 -17.91
N ALA A 168 -4.56 -2.34 -17.79
CA ALA A 168 -3.64 -1.43 -18.44
C ALA A 168 -3.27 -1.85 -19.87
N GLY A 169 -3.68 -3.03 -20.31
CA GLY A 169 -3.33 -3.53 -21.63
C GLY A 169 -1.87 -3.90 -21.76
N LEU A 170 -1.20 -4.41 -20.67
CA LEU A 170 0.20 -4.74 -20.85
C LEU A 170 0.40 -6.24 -20.94
N PRO A 171 1.35 -6.73 -21.75
CA PRO A 171 1.40 -8.16 -22.05
C PRO A 171 1.38 -9.08 -20.84
N ASP A 172 2.09 -8.76 -19.76
CA ASP A 172 2.16 -9.71 -18.65
C ASP A 172 2.97 -10.90 -19.15
N LYS A 173 4.22 -10.96 -18.68
CA LYS A 173 5.40 -11.33 -19.45
C LYS A 173 6.44 -10.24 -19.15
N ASP A 174 5.96 -9.00 -19.10
CA ASP A 174 6.69 -7.89 -18.53
C ASP A 174 6.56 -7.84 -17.01
N ILE A 175 5.78 -8.76 -16.45
CA ILE A 175 5.52 -8.74 -15.00
C ILE A 175 6.80 -8.84 -14.19
N PRO A 176 7.71 -9.78 -14.44
CA PRO A 176 8.92 -9.85 -13.59
C PRO A 176 9.70 -8.55 -13.57
N HIS A 177 9.89 -7.93 -14.74
CA HIS A 177 10.64 -6.68 -14.79
C HIS A 177 9.88 -5.55 -14.08
N LEU A 178 8.57 -5.45 -14.33
CA LEU A 178 7.78 -4.40 -13.72
C LEU A 178 7.70 -4.58 -12.22
N LYS A 179 7.45 -5.80 -11.77
CA LYS A 179 7.37 -6.08 -10.35
C LYS A 179 8.68 -5.74 -9.65
N TYR A 180 9.82 -6.07 -10.27
CA TYR A 180 11.10 -5.77 -9.64
C TYR A 180 11.32 -4.26 -9.52
N LEU A 181 10.93 -3.48 -10.53
CA LEU A 181 11.11 -2.03 -10.46
C LEU A 181 10.21 -1.41 -9.38
N SER A 182 8.96 -1.85 -9.31
CA SER A 182 8.06 -1.30 -8.31
C SER A 182 8.54 -1.60 -6.90
N ASP A 183 8.97 -2.83 -6.65
CA ASP A 183 9.59 -3.18 -5.38
C ASP A 183 10.75 -2.26 -5.02
N GLN A 184 11.52 -1.84 -6.02
CA GLN A 184 12.72 -1.04 -5.76
C GLN A 184 12.37 0.30 -5.15
N MET A 185 11.18 0.80 -5.45
CA MET A 185 10.78 2.13 -5.00
C MET A 185 10.12 2.13 -3.64
N THR A 186 9.70 0.96 -3.14
CA THR A 186 9.05 0.83 -1.85
C THR A 186 9.91 0.12 -0.81
N ARG A 187 10.61 -0.95 -1.17
CA ARG A 187 11.52 -1.66 -0.27
C ARG A 187 12.83 -1.89 -1.01
N PRO A 188 13.61 -0.83 -1.21
CA PRO A 188 14.80 -0.95 -2.08
C PRO A 188 15.82 -1.94 -1.54
N ASP A 189 16.53 -2.60 -2.48
CA ASP A 189 17.63 -3.48 -2.15
C ASP A 189 18.99 -2.79 -2.30
N GLY A 190 19.03 -1.61 -2.88
CA GLY A 190 20.22 -0.80 -2.95
C GLY A 190 20.91 -0.82 -4.30
N SER A 191 20.60 -1.79 -5.15
CA SER A 191 21.24 -1.83 -6.47
C SER A 191 20.75 -0.72 -7.39
N MET A 192 19.69 0.01 -7.04
CA MET A 192 19.35 1.20 -7.79
C MET A 192 18.82 2.30 -6.88
N THR A 193 19.13 3.54 -7.22
CA THR A 193 18.45 4.66 -6.61
C THR A 193 16.98 4.64 -7.01
N PHE A 194 16.16 5.39 -6.26
CA PHE A 194 14.77 5.60 -6.67
C PHE A 194 14.70 6.15 -8.09
N ALA A 195 15.51 7.17 -8.38
CA ALA A 195 15.55 7.75 -9.71
C ALA A 195 15.95 6.72 -10.76
N GLU A 196 16.87 5.79 -10.42
CA GLU A 196 17.27 4.79 -11.40
C GLU A 196 16.12 3.84 -11.72
N ALA A 197 15.37 3.41 -10.70
CA ALA A 197 14.18 2.61 -10.92
C ALA A 197 13.08 3.41 -11.62
N ARG A 198 12.94 4.69 -11.26
CA ARG A 198 11.97 5.54 -11.92
C ARG A 198 12.29 5.67 -13.40
N ASP A 199 13.56 5.93 -13.73
CA ASP A 199 13.94 6.12 -15.13
C ASP A 199 13.84 4.82 -15.94
N ALA A 200 14.02 3.66 -15.31
CA ALA A 200 13.75 2.41 -16.02
C ALA A 200 12.26 2.20 -16.26
N LEU A 201 11.43 2.49 -15.24
CA LEU A 201 9.99 2.46 -15.45
C LEU A 201 9.57 3.37 -16.60
N TYR A 202 10.24 4.53 -16.73
CA TYR A 202 9.84 5.51 -17.75
C TYR A 202 10.25 5.07 -19.15
N GLU A 203 11.45 4.50 -19.29
CA GLU A 203 11.88 3.94 -20.58
C GLU A 203 10.93 2.85 -21.04
N TYR A 204 10.44 2.03 -20.10
CA TYR A 204 9.41 1.06 -20.48
C TYR A 204 8.14 1.76 -20.94
N LEU A 205 7.69 2.80 -20.23
CA LEU A 205 6.37 3.36 -20.47
C LEU A 205 6.33 4.33 -21.66
N MET A 206 7.38 5.10 -21.88
CA MET A 206 7.29 6.17 -22.88
C MET A 206 6.95 5.65 -24.28
N PRO A 207 7.53 4.53 -24.77
CA PRO A 207 7.12 4.05 -26.11
C PRO A 207 5.70 3.51 -26.15
N ILE A 208 5.20 2.93 -25.06
CA ILE A 208 3.82 2.44 -25.06
C ILE A 208 2.84 3.59 -25.13
N ILE A 209 3.08 4.63 -24.33
CA ILE A 209 2.30 5.87 -24.40
C ILE A 209 2.31 6.42 -25.83
N ALA A 210 3.50 6.52 -26.43
CA ALA A 210 3.60 7.02 -27.81
C ALA A 210 2.82 6.13 -28.77
N GLU A 211 3.06 4.81 -28.69
CA GLU A 211 2.32 3.86 -29.50
C GLU A 211 0.81 4.01 -29.34
N ARG A 212 0.35 4.41 -28.17
CA ARG A 212 -1.08 4.42 -27.89
C ARG A 212 -1.75 5.76 -28.18
N LYS A 213 -0.99 6.82 -28.46
CA LYS A 213 -1.62 7.97 -29.10
C LYS A 213 -1.86 7.73 -30.60
N LEU A 214 -1.07 6.84 -31.22
CA LEU A 214 -1.28 6.51 -32.62
C LEU A 214 -2.39 5.50 -32.81
N LYS A 215 -2.59 4.59 -31.86
CA LYS A 215 -3.62 3.55 -31.98
C LYS A 215 -4.28 3.32 -30.63
N PRO A 216 -5.27 4.16 -30.29
CA PRO A 216 -5.91 4.04 -28.96
C PRO A 216 -6.77 2.80 -28.86
N CYS A 217 -6.59 2.05 -27.76
CA CYS A 217 -7.52 1.01 -27.31
C CYS A 217 -8.28 1.55 -26.09
N THR A 218 -9.10 0.72 -25.46
CA THR A 218 -9.89 1.17 -24.32
C THR A 218 -9.20 0.95 -22.97
N ASP A 219 -7.90 0.62 -22.98
CA ASP A 219 -7.19 0.29 -21.75
C ASP A 219 -6.84 1.55 -20.97
N ALA A 220 -6.31 1.37 -19.76
CA ALA A 220 -6.04 2.51 -18.90
C ALA A 220 -4.95 3.43 -19.47
N ILE A 221 -3.93 2.86 -20.14
CA ILE A 221 -2.83 3.69 -20.62
C ILE A 221 -3.27 4.52 -21.82
N SER A 222 -4.11 3.96 -22.68
CA SER A 222 -4.70 4.75 -23.77
C SER A 222 -5.51 5.91 -23.22
N VAL A 223 -6.35 5.64 -22.21
CA VAL A 223 -7.26 6.66 -21.72
C VAL A 223 -6.49 7.81 -21.08
N ILE A 224 -5.39 7.50 -20.41
CA ILE A 224 -4.58 8.57 -19.81
C ILE A 224 -3.88 9.37 -20.89
N ALA A 225 -3.15 8.68 -21.79
CA ALA A 225 -2.32 9.36 -22.78
C ALA A 225 -3.16 10.24 -23.69
N ASN A 226 -4.42 9.89 -23.88
CA ASN A 226 -5.35 10.62 -24.74
C ASN A 226 -6.33 11.47 -23.93
N GLY A 227 -5.92 11.89 -22.73
CA GLY A 227 -6.81 12.59 -21.82
C GLY A 227 -6.59 14.09 -21.87
N GLN A 228 -7.36 14.79 -21.05
CA GLN A 228 -7.30 16.25 -21.00
C GLN A 228 -7.26 16.75 -19.57
N VAL A 229 -6.42 17.73 -19.31
CA VAL A 229 -6.53 18.57 -18.13
C VAL A 229 -6.66 20.01 -18.58
N ASN A 230 -7.46 20.79 -17.84
CA ASN A 230 -7.74 22.20 -18.15
C ASN A 230 -8.04 22.39 -19.65
N GLY A 231 -8.86 21.50 -20.19
CA GLY A 231 -9.35 21.61 -21.55
C GLY A 231 -8.29 21.44 -22.64
N ARG A 232 -7.05 21.15 -22.29
CA ARG A 232 -5.99 20.94 -23.26
C ARG A 232 -5.45 19.51 -23.13
N PRO A 233 -4.71 19.03 -24.14
CA PRO A 233 -4.23 17.64 -24.10
C PRO A 233 -3.21 17.41 -23.00
N ILE A 234 -3.35 16.28 -22.30
CA ILE A 234 -2.30 15.82 -21.39
C ILE A 234 -0.98 15.71 -22.16
N THR A 235 0.12 16.13 -21.55
CA THR A 235 1.36 16.02 -22.29
C THR A 235 1.93 14.60 -22.15
N SER A 236 2.96 14.29 -22.95
CA SER A 236 3.67 13.03 -22.81
C SER A 236 4.33 12.92 -21.45
N ASP A 237 4.88 14.04 -20.95
CA ASP A 237 5.57 14.07 -19.68
C ASP A 237 4.63 13.76 -18.52
N GLU A 238 3.44 14.38 -18.51
CA GLU A 238 2.49 14.12 -17.45
C GLU A 238 1.92 12.70 -17.55
N ALA A 239 1.72 12.20 -18.77
CA ALA A 239 1.08 10.90 -18.93
C ALA A 239 1.95 9.79 -18.34
N LYS A 240 3.26 9.90 -18.46
CA LYS A 240 4.11 8.83 -17.96
C LYS A 240 4.23 8.89 -16.44
N LYS A 241 4.20 10.08 -15.85
CA LYS A 241 4.22 10.19 -14.39
C LYS A 241 2.91 9.69 -13.79
N MET A 242 1.81 9.77 -14.53
CA MET A 242 0.51 9.28 -14.05
C MET A 242 0.45 7.77 -14.18
N CYS A 243 0.80 7.27 -15.36
CA CYS A 243 0.83 5.83 -15.62
C CYS A 243 1.80 5.12 -14.70
N GLY A 244 2.96 5.73 -14.43
CA GLY A 244 3.89 5.14 -13.50
C GLY A 244 3.30 4.92 -12.11
N LEU A 245 2.58 5.93 -11.60
CA LEU A 245 1.94 5.79 -10.30
C LEU A 245 0.99 4.59 -10.28
N LEU A 246 0.15 4.46 -11.31
CA LEU A 246 -0.80 3.36 -11.34
C LEU A 246 -0.07 2.02 -11.36
N LEU A 247 1.05 1.95 -12.07
CA LEU A 247 1.84 0.72 -12.14
C LEU A 247 2.46 0.34 -10.81
N VAL A 248 2.83 1.30 -9.96
CA VAL A 248 3.43 0.89 -8.70
C VAL A 248 2.36 0.43 -7.71
N GLY A 249 1.20 1.12 -7.69
CA GLY A 249 0.10 0.65 -6.85
C GLY A 249 -0.50 -0.66 -7.34
N GLY A 250 -0.59 -0.86 -8.65
CA GLY A 250 -1.16 -2.09 -9.15
C GLY A 250 -0.32 -3.30 -8.85
N LEU A 251 1.00 -3.11 -8.73
CA LEU A 251 1.92 -4.21 -8.60
C LEU A 251 2.43 -4.45 -7.18
N ASP A 252 2.27 -3.48 -6.27
CA ASP A 252 2.94 -3.60 -4.98
C ASP A 252 2.10 -3.07 -3.83
N THR A 253 0.79 -3.29 -3.86
CA THR A 253 0.03 -2.91 -2.67
C THR A 253 -0.89 -4.05 -2.26
N VAL A 254 -1.88 -4.32 -3.10
CA VAL A 254 -2.80 -5.42 -2.83
C VAL A 254 -2.04 -6.71 -2.66
N VAL A 255 -1.08 -6.95 -3.57
CA VAL A 255 -0.21 -8.13 -3.48
C VAL A 255 0.25 -8.36 -2.06
N ASN A 256 0.86 -7.34 -1.46
CA ASN A 256 1.39 -7.51 -0.11
C ASN A 256 0.28 -7.65 0.91
N PHE A 257 -0.79 -6.87 0.76
CA PHE A 257 -1.87 -6.92 1.73
C PHE A 257 -2.52 -8.29 1.81
N LEU A 258 -2.73 -8.94 0.66
CA LEU A 258 -3.38 -10.25 0.68
C LEU A 258 -2.59 -11.25 1.52
N SER A 259 -1.27 -11.20 1.47
CA SER A 259 -0.47 -12.16 2.24
C SER A 259 -0.67 -11.97 3.73
N PHE A 260 -0.68 -10.71 4.17
CA PHE A 260 -1.00 -10.42 5.57
C PHE A 260 -2.32 -11.05 6.00
N CYS A 261 -3.37 -10.93 5.16
CA CYS A 261 -4.68 -11.40 5.59
C CYS A 261 -4.71 -12.91 5.70
N MET A 262 -4.18 -13.59 4.68
CA MET A 262 -4.20 -15.05 4.62
C MET A 262 -3.34 -15.65 5.73
N GLU A 263 -2.22 -15.00 6.07
CA GLU A 263 -1.46 -15.40 7.25
C GLU A 263 -2.30 -15.29 8.51
N PHE A 264 -3.04 -14.19 8.66
CA PHE A 264 -3.93 -14.10 9.81
C PHE A 264 -4.97 -15.22 9.78
N LEU A 265 -5.62 -15.42 8.64
CA LEU A 265 -6.72 -16.39 8.62
C LEU A 265 -6.23 -17.82 8.83
N ALA A 266 -4.97 -18.11 8.49
CA ALA A 266 -4.42 -19.46 8.66
C ALA A 266 -4.15 -19.80 10.13
N LYS A 267 -4.15 -18.82 11.02
CA LYS A 267 -3.97 -19.07 12.44
C LYS A 267 -5.25 -18.87 13.23
N SER A 268 -6.38 -18.59 12.57
CA SER A 268 -7.59 -18.10 13.25
C SER A 268 -8.85 -18.79 12.72
N PRO A 269 -9.09 -20.04 13.16
CA PRO A 269 -10.26 -20.77 12.69
C PRO A 269 -11.59 -20.15 13.02
N GLU A 270 -11.74 -19.55 14.21
CA GLU A 270 -13.00 -18.88 14.53
C GLU A 270 -13.30 -17.77 13.53
N HIS A 271 -12.28 -17.06 13.07
CA HIS A 271 -12.50 -15.99 12.10
C HIS A 271 -12.89 -16.54 10.74
N ARG A 272 -12.33 -17.71 10.38
CA ARG A 272 -12.68 -18.35 9.11
C ARG A 272 -14.13 -18.80 9.11
N LYS A 273 -14.54 -19.49 10.18
CA LYS A 273 -15.92 -19.97 10.30
C LYS A 273 -16.92 -18.83 10.21
N GLU A 274 -16.64 -17.70 10.87
CA GLU A 274 -17.54 -16.55 10.82
C GLU A 274 -17.83 -16.14 9.37
N LEU A 275 -16.83 -16.17 8.50
CA LEU A 275 -17.04 -15.67 7.15
C LEU A 275 -17.68 -16.70 6.25
N ILE A 276 -17.56 -17.97 6.61
CA ILE A 276 -18.24 -19.04 5.87
C ILE A 276 -19.71 -19.12 6.27
N GLU A 277 -20.00 -19.03 7.56
CA GLU A 277 -21.38 -19.12 8.05
C GLU A 277 -22.15 -17.82 7.83
N HIS A 278 -21.47 -16.68 7.77
CA HIS A 278 -22.11 -15.39 7.56
C HIS A 278 -21.41 -14.65 6.44
N PRO A 279 -21.71 -14.99 5.19
CA PRO A 279 -20.99 -14.35 4.07
C PRO A 279 -21.28 -12.86 3.95
N GLU A 280 -22.42 -12.38 4.44
CA GLU A 280 -22.66 -10.95 4.41
C GLU A 280 -21.70 -10.17 5.30
N ARG A 281 -20.96 -10.85 6.18
CA ARG A 281 -19.95 -10.25 7.05
C ARG A 281 -18.61 -9.99 6.35
N ILE A 282 -18.38 -10.55 5.15
CA ILE A 282 -17.09 -10.37 4.49
C ILE A 282 -16.73 -8.90 4.31
N PRO A 283 -17.62 -8.02 3.79
CA PRO A 283 -17.20 -6.61 3.60
C PRO A 283 -16.78 -5.93 4.89
N ALA A 284 -17.48 -6.18 6.00
CA ALA A 284 -17.07 -5.60 7.28
C ALA A 284 -15.75 -6.21 7.77
N ALA A 285 -15.55 -7.50 7.53
CA ALA A 285 -14.27 -8.10 7.91
C ALA A 285 -13.15 -7.54 7.05
N THR A 286 -13.43 -7.24 5.79
CA THR A 286 -12.44 -6.59 4.95
C THR A 286 -11.97 -5.28 5.59
N GLU A 287 -12.89 -4.49 6.13
CA GLU A 287 -12.49 -3.22 6.73
C GLU A 287 -11.62 -3.45 7.95
N GLU A 288 -11.93 -4.48 8.73
CA GLU A 288 -11.18 -4.72 9.96
C GLU A 288 -9.83 -5.38 9.69
N LEU A 289 -9.69 -6.10 8.57
CA LEU A 289 -8.37 -6.56 8.18
C LEU A 289 -7.54 -5.45 7.60
N LEU A 290 -8.16 -4.50 6.90
CA LEU A 290 -7.42 -3.35 6.39
C LEU A 290 -6.92 -2.46 7.52
N ARG A 291 -7.66 -2.38 8.62
CA ARG A 291 -7.15 -1.62 9.75
C ARG A 291 -5.97 -2.34 10.38
N ARG A 292 -6.13 -3.64 10.65
CA ARG A 292 -5.13 -4.38 11.41
C ARG A 292 -3.85 -4.63 10.62
N PHE A 293 -3.96 -4.79 9.31
CA PHE A 293 -2.83 -5.13 8.46
C PHE A 293 -2.59 -4.03 7.45
N SER A 294 -2.83 -2.79 7.87
CA SER A 294 -2.42 -1.63 7.11
C SER A 294 -0.93 -1.70 6.82
N LEU A 295 -0.50 -1.12 5.70
CA LEU A 295 0.86 -1.40 5.25
C LEU A 295 1.58 -0.24 4.55
N VAL A 296 0.94 0.89 4.34
CA VAL A 296 1.56 2.02 3.66
C VAL A 296 2.07 3.01 4.69
N ALA A 297 3.21 3.64 4.41
CA ALA A 297 3.65 4.78 5.22
C ALA A 297 4.41 5.74 4.33
N ASP A 298 3.92 6.95 4.15
CA ASP A 298 4.77 7.96 3.51
C ASP A 298 4.71 9.25 4.33
N GLY A 299 5.13 10.35 3.72
CA GLY A 299 5.37 11.56 4.44
C GLY A 299 5.08 12.83 3.66
N ARG A 300 5.50 13.94 4.25
CA ARG A 300 5.20 15.29 3.80
C ARG A 300 6.43 16.14 4.11
N ILE A 301 6.56 17.27 3.43
CA ILE A 301 7.64 18.19 3.75
C ILE A 301 7.06 19.53 4.18
N LEU A 302 7.72 20.18 5.15
CA LEU A 302 7.22 21.41 5.75
C LEU A 302 7.50 22.58 4.83
N LYS A 303 6.44 23.36 4.50
CA LYS A 303 6.62 24.53 3.66
C LYS A 303 7.13 25.73 4.43
N SER A 304 7.11 25.68 5.76
CA SER A 304 7.43 26.81 6.61
C SER A 304 7.63 26.29 8.02
N ASP A 305 8.42 27.04 8.81
CA ASP A 305 8.46 26.81 10.24
C ASP A 305 7.04 26.69 10.79
N LEU A 306 6.86 25.81 11.77
CA LEU A 306 5.52 25.59 12.30
C LEU A 306 5.63 25.00 13.68
N GLU A 307 4.99 25.64 14.66
CA GLU A 307 4.87 25.10 16.01
C GLU A 307 3.73 24.09 16.00
N PHE A 308 4.08 22.80 15.99
CA PHE A 308 3.10 21.72 15.83
C PHE A 308 2.99 20.99 17.17
N HIS A 309 1.89 21.23 17.88
CA HIS A 309 1.65 20.62 19.19
C HIS A 309 2.89 20.73 20.09
N GLY A 310 3.41 21.96 20.19
CA GLY A 310 4.54 22.27 21.04
C GLY A 310 5.91 21.97 20.48
N VAL A 311 6.00 21.36 19.29
CA VAL A 311 7.27 21.01 18.66
C VAL A 311 7.48 21.94 17.47
N LEU A 312 8.68 22.50 17.37
CA LEU A 312 8.99 23.44 16.29
C LEU A 312 9.56 22.66 15.10
N LEU A 313 8.77 22.57 14.04
CA LEU A 313 9.24 21.99 12.79
C LEU A 313 9.71 23.13 11.90
N LYS A 314 10.87 22.97 11.27
CA LYS A 314 11.44 24.02 10.45
C LYS A 314 11.17 23.74 8.98
N LYS A 315 10.99 24.82 8.22
CA LYS A 315 10.87 24.74 6.76
C LYS A 315 11.87 23.72 6.20
N GLY A 316 11.37 22.78 5.39
CA GLY A 316 12.21 21.78 4.76
C GLY A 316 12.40 20.48 5.54
N ASP A 317 12.05 20.46 6.83
CA ASP A 317 11.97 19.20 7.56
C ASP A 317 11.01 18.26 6.85
N GLN A 318 11.33 16.97 6.87
CA GLN A 318 10.40 15.93 6.43
C GLN A 318 9.76 15.28 7.64
N ILE A 319 8.53 14.83 7.48
CA ILE A 319 7.81 14.20 8.59
C ILE A 319 7.12 12.96 8.04
N LEU A 320 7.43 11.80 8.64
CA LEU A 320 6.73 10.57 8.30
C LEU A 320 5.39 10.58 8.99
N LEU A 321 4.32 10.38 8.21
CA LEU A 321 2.96 10.32 8.73
C LEU A 321 2.38 8.95 8.39
N PRO A 322 2.81 7.91 9.09
CA PRO A 322 2.47 6.55 8.66
C PRO A 322 0.97 6.29 8.64
N GLN A 323 0.42 6.14 7.42
CA GLN A 323 -1.01 5.86 7.27
C GLN A 323 -1.43 4.64 8.06
N LEU A 324 -0.54 3.64 8.19
CA LEU A 324 -0.86 2.43 8.94
C LEU A 324 -1.02 2.65 10.46
N LEU A 325 -0.46 3.73 11.02
CA LEU A 325 -0.48 3.89 12.48
C LEU A 325 -1.82 4.34 13.06
N SER A 326 -2.64 5.07 12.31
CA SER A 326 -3.87 5.63 12.90
C SER A 326 -4.78 4.53 13.46
N GLY A 327 -4.97 3.45 12.70
CA GLY A 327 -5.88 2.40 13.14
C GLY A 327 -5.26 1.42 14.12
N LEU A 328 -3.94 1.38 14.22
CA LEU A 328 -3.31 0.66 15.32
C LEU A 328 -3.23 1.49 16.59
N ASP A 329 -3.63 2.76 16.54
CA ASP A 329 -3.59 3.66 17.70
C ASP A 329 -4.65 3.27 18.71
N GLU A 330 -4.23 2.95 19.93
CA GLU A 330 -5.20 2.55 20.95
C GLU A 330 -6.17 3.68 21.29
N ARG A 331 -5.81 4.93 20.98
CA ARG A 331 -6.73 6.04 21.17
C ARG A 331 -7.85 6.09 20.13
N GLU A 332 -7.67 5.39 19.01
CA GLU A 332 -8.67 5.29 17.95
C GLU A 332 -9.45 3.99 18.03
N ASN A 333 -8.81 2.89 18.40
CA ASN A 333 -9.44 1.57 18.48
C ASN A 333 -8.92 0.87 19.73
N ALA A 334 -9.80 0.63 20.71
CA ALA A 334 -9.42 -0.17 21.88
C ALA A 334 -8.95 -1.56 21.46
N CYS A 335 -7.98 -2.08 22.21
CA CYS A 335 -7.42 -3.41 21.97
C CYS A 335 -6.98 -3.55 20.52
N PRO A 336 -6.11 -2.64 20.04
CA PRO A 336 -6.00 -2.45 18.58
C PRO A 336 -5.35 -3.62 17.86
N MET A 337 -4.57 -4.47 18.54
CA MET A 337 -3.96 -5.62 17.85
C MET A 337 -4.93 -6.78 17.67
N HIS A 338 -6.12 -6.69 18.26
CA HIS A 338 -7.13 -7.76 18.20
C HIS A 338 -8.07 -7.55 17.01
N VAL A 339 -8.22 -8.56 16.19
CA VAL A 339 -9.10 -8.51 15.03
C VAL A 339 -10.49 -8.89 15.48
N ASP A 340 -11.43 -7.95 15.38
CA ASP A 340 -12.81 -8.16 15.84
C ASP A 340 -13.71 -7.75 14.69
N PHE A 341 -14.27 -8.75 14.00
CA PHE A 341 -15.10 -8.45 12.84
C PHE A 341 -16.38 -7.70 13.19
N GLY A 342 -16.76 -7.69 14.47
CA GLY A 342 -17.95 -7.01 14.93
C GLY A 342 -17.65 -5.65 15.56
N ARG A 343 -16.45 -5.14 15.30
CA ARG A 343 -16.00 -3.87 15.87
C ARG A 343 -16.95 -2.73 15.47
N GLN A 344 -17.56 -2.06 16.46
CA GLN A 344 -18.66 -1.15 16.11
C GLN A 344 -18.18 0.03 15.28
N LYS A 345 -16.94 0.49 15.46
CA LYS A 345 -16.39 1.58 14.65
C LYS A 345 -14.96 1.25 14.28
N VAL A 346 -14.75 0.93 13.01
CA VAL A 346 -13.44 0.57 12.47
C VAL A 346 -12.78 1.86 12.02
N SER A 347 -11.92 2.42 12.86
CA SER A 347 -11.24 3.68 12.56
C SER A 347 -9.86 3.41 11.99
N HIS A 348 -9.59 3.94 10.80
CA HIS A 348 -8.28 3.76 10.19
C HIS A 348 -8.05 4.82 9.13
N THR A 349 -6.79 4.92 8.67
CA THR A 349 -6.42 5.73 7.51
C THR A 349 -5.61 4.89 6.52
N THR A 350 -6.04 3.64 6.33
CA THR A 350 -5.27 2.71 5.52
C THR A 350 -5.12 3.20 4.07
N PHE A 351 -6.18 3.81 3.53
CA PHE A 351 -6.16 4.33 2.16
C PHE A 351 -5.78 5.81 2.11
N GLY A 352 -5.24 6.34 3.17
CA GLY A 352 -4.82 7.74 3.18
C GLY A 352 -5.86 8.65 3.83
N HIS A 353 -5.58 9.94 3.76
CA HIS A 353 -6.41 10.96 4.38
C HIS A 353 -6.10 12.28 3.70
N GLY A 354 -7.11 13.14 3.65
CA GLY A 354 -6.96 14.40 2.96
C GLY A 354 -7.19 14.24 1.46
N SER A 355 -6.65 15.19 0.71
CA SER A 355 -7.00 15.24 -0.70
C SER A 355 -6.35 14.12 -1.52
N HIS A 356 -5.45 13.34 -0.94
CA HIS A 356 -4.74 12.29 -1.66
C HIS A 356 -5.29 10.89 -1.39
N LEU A 357 -6.44 10.78 -0.72
CA LEU A 357 -7.05 9.49 -0.43
C LEU A 357 -7.07 8.58 -1.68
N CYS A 358 -6.70 7.31 -1.46
CA CYS A 358 -6.36 6.38 -2.55
C CYS A 358 -7.49 6.24 -3.56
N LEU A 359 -7.14 6.36 -4.84
CA LEU A 359 -8.08 6.20 -5.93
C LEU A 359 -8.34 4.75 -6.30
N GLY A 360 -7.43 3.82 -5.97
CA GLY A 360 -7.60 2.45 -6.38
C GLY A 360 -8.27 1.59 -5.34
N GLN A 361 -8.80 2.23 -4.30
CA GLN A 361 -9.30 1.48 -3.16
C GLN A 361 -10.53 0.66 -3.50
N HIS A 362 -11.30 1.05 -4.51
CA HIS A 362 -12.43 0.20 -4.91
C HIS A 362 -11.93 -1.08 -5.56
N LEU A 363 -10.87 -0.99 -6.36
CA LEU A 363 -10.28 -2.19 -6.93
C LEU A 363 -9.72 -3.08 -5.83
N ALA A 364 -9.05 -2.48 -4.85
CA ALA A 364 -8.43 -3.24 -3.77
C ALA A 364 -9.48 -4.01 -2.96
N ARG A 365 -10.53 -3.32 -2.50
CA ARG A 365 -11.59 -3.95 -1.75
C ARG A 365 -12.23 -5.10 -2.53
N ARG A 366 -12.53 -4.88 -3.81
CA ARG A 366 -13.13 -5.92 -4.64
C ARG A 366 -12.21 -7.13 -4.77
N GLU A 367 -10.91 -6.90 -4.95
CA GLU A 367 -9.95 -8.00 -4.98
C GLU A 367 -9.85 -8.71 -3.62
N ILE A 368 -9.94 -7.96 -2.52
CA ILE A 368 -9.84 -8.57 -1.19
C ILE A 368 -11.08 -9.38 -0.88
N VAL A 369 -12.26 -8.79 -1.13
CA VAL A 369 -13.51 -9.51 -0.90
C VAL A 369 -13.57 -10.78 -1.75
N THR A 370 -13.12 -10.70 -3.00
CA THR A 370 -13.16 -11.86 -3.89
C THR A 370 -12.21 -12.94 -3.39
N THR A 371 -11.02 -12.55 -2.96
CA THR A 371 -10.11 -13.52 -2.40
C THR A 371 -10.76 -14.24 -1.22
N LEU A 372 -11.33 -13.48 -0.29
CA LEU A 372 -11.88 -14.07 0.92
C LEU A 372 -13.02 -15.04 0.60
N ARG A 373 -13.99 -14.58 -0.20
CA ARG A 373 -15.12 -15.43 -0.53
C ARG A 373 -14.67 -16.67 -1.30
N GLU A 374 -13.80 -16.49 -2.30
CA GLU A 374 -13.54 -17.63 -3.19
C GLU A 374 -12.57 -18.62 -2.57
N TRP A 375 -11.60 -18.13 -1.80
CA TRP A 375 -10.70 -19.05 -1.12
C TRP A 375 -11.45 -19.90 -0.12
N LEU A 376 -12.30 -19.26 0.70
CA LEU A 376 -12.99 -19.95 1.78
C LEU A 376 -14.14 -20.83 1.28
N ALA A 377 -14.70 -20.55 0.11
CA ALA A 377 -15.66 -21.46 -0.50
C ALA A 377 -15.01 -22.79 -0.91
N ARG A 378 -13.70 -22.83 -1.05
CA ARG A 378 -13.06 -24.03 -1.57
C ARG A 378 -12.04 -24.64 -0.63
N ILE A 379 -11.32 -23.83 0.13
CA ILE A 379 -10.31 -24.26 1.09
C ILE A 379 -10.67 -23.63 2.43
N PRO A 380 -11.72 -24.15 3.09
CA PRO A 380 -12.18 -23.53 4.34
C PRO A 380 -11.28 -23.78 5.54
N ASP A 381 -10.43 -24.80 5.47
CA ASP A 381 -9.57 -25.23 6.56
C ASP A 381 -8.13 -25.25 6.03
N PHE A 382 -7.26 -24.44 6.62
CA PHE A 382 -5.86 -24.43 6.20
C PHE A 382 -5.01 -23.88 7.33
N ALA A 383 -3.70 -24.07 7.21
CA ALA A 383 -2.75 -23.75 8.27
C ALA A 383 -1.43 -23.33 7.64
N ILE A 384 -0.61 -22.60 8.40
CA ILE A 384 0.76 -22.35 8.00
C ILE A 384 1.53 -23.66 8.10
N ALA A 385 2.39 -23.92 7.11
CA ALA A 385 3.15 -25.16 7.13
C ALA A 385 3.92 -25.31 8.44
N PRO A 386 4.00 -26.52 8.99
CA PRO A 386 4.64 -26.70 10.31
C PRO A 386 6.12 -26.35 10.31
N GLY A 387 6.49 -25.47 11.24
CA GLY A 387 7.86 -25.03 11.34
C GLY A 387 8.27 -24.05 10.27
N ALA A 388 7.33 -23.49 9.51
CA ALA A 388 7.64 -22.39 8.62
C ALA A 388 7.78 -21.10 9.42
N GLN A 389 8.64 -20.22 8.94
CA GLN A 389 8.81 -18.89 9.52
C GLN A 389 8.31 -17.90 8.47
N VAL A 390 7.26 -17.17 8.80
CA VAL A 390 6.75 -16.15 7.90
C VAL A 390 7.48 -14.86 8.26
N ARG A 391 8.31 -14.39 7.34
CA ARG A 391 9.17 -13.23 7.57
C ARG A 391 8.58 -12.02 6.86
N HIS A 392 8.50 -10.92 7.58
CA HIS A 392 7.92 -9.68 7.10
C HIS A 392 9.02 -8.73 6.63
N GLN A 393 8.62 -7.70 5.89
CA GLN A 393 9.56 -6.71 5.40
C GLN A 393 8.91 -5.34 5.41
N SER A 394 9.64 -4.32 5.85
CA SER A 394 9.07 -2.99 5.98
C SER A 394 9.61 -2.05 4.90
N GLY A 395 8.90 -0.94 4.73
CA GLY A 395 9.31 0.09 3.79
C GLY A 395 8.18 1.07 3.61
N ILE A 396 8.18 1.74 2.45
CA ILE A 396 7.02 2.57 2.10
C ILE A 396 5.76 1.71 2.01
N VAL A 397 5.89 0.50 1.47
CA VAL A 397 4.84 -0.52 1.51
C VAL A 397 5.42 -1.74 2.19
N SER A 398 4.82 -2.17 3.29
CA SER A 398 5.35 -3.34 3.99
C SER A 398 4.82 -4.63 3.34
N GLY A 399 5.54 -5.74 3.56
CA GLY A 399 5.19 -6.99 2.92
C GLY A 399 5.62 -8.25 3.64
N VAL A 400 5.31 -9.37 3.01
CA VAL A 400 5.57 -10.72 3.50
C VAL A 400 6.54 -11.38 2.53
N HIS A 401 7.58 -12.03 3.05
CA HIS A 401 8.51 -12.72 2.16
C HIS A 401 7.87 -13.95 1.50
N ALA A 402 7.36 -14.88 2.30
CA ALA A 402 6.84 -16.16 1.83
C ALA A 402 5.79 -16.66 2.81
N LEU A 403 4.74 -17.30 2.29
CA LEU A 403 3.64 -17.80 3.12
C LEU A 403 3.30 -19.22 2.67
N PRO A 404 3.97 -20.23 3.23
CA PRO A 404 3.64 -21.62 2.88
C PRO A 404 2.43 -22.06 3.68
N LEU A 405 1.39 -22.50 2.97
CA LEU A 405 0.16 -22.99 3.57
C LEU A 405 0.04 -24.49 3.32
N VAL A 406 -0.66 -25.17 4.22
CA VAL A 406 -0.97 -26.58 4.02
C VAL A 406 -2.43 -26.80 4.39
N TRP A 407 -3.01 -27.86 3.84
CA TRP A 407 -4.39 -28.22 4.10
C TRP A 407 -4.62 -29.64 3.59
N ASP A 408 -5.70 -30.24 4.07
CA ASP A 408 -6.10 -31.58 3.68
C ASP A 408 -7.01 -31.50 2.47
N PRO A 409 -6.59 -32.00 1.29
CA PRO A 409 -7.44 -31.87 0.08
C PRO A 409 -8.81 -32.49 0.21
N ALA A 410 -8.97 -33.49 1.09
CA ALA A 410 -10.28 -34.09 1.28
C ALA A 410 -11.25 -33.15 2.01
N THR A 411 -10.74 -32.16 2.73
CA THR A 411 -11.61 -31.16 3.35
C THR A 411 -11.79 -29.91 2.49
N THR A 412 -11.38 -29.95 1.21
CA THR A 412 -11.66 -28.84 0.31
C THR A 412 -12.94 -29.12 -0.46
N LYS A 413 -13.33 -28.19 -1.33
CA LYS A 413 -14.64 -28.27 -1.97
C LYS A 413 -14.56 -27.87 -3.44
N ALA A 414 -15.18 -28.66 -4.31
CA ALA A 414 -15.44 -28.20 -5.66
C ALA A 414 -16.62 -27.24 -5.63
N VAL A 415 -16.48 -26.10 -6.30
CA VAL A 415 -17.56 -25.13 -6.39
C VAL A 415 -17.70 -24.72 -7.85
#